data_7PHN
#
_entry.id   7PHN
#
_cell.length_a   35.935
_cell.length_b   66.572
_cell.length_c   64.079
_cell.angle_alpha   90.00
_cell.angle_beta   90.60
_cell.angle_gamma   90.00
#
_symmetry.space_group_name_H-M   'P 1 21 1'
#
loop_
_entity.id
_entity.type
_entity.pdbx_description
1 polymer 'UDP-3-O-acyl-N-acetylglucosamine deacetylase'
2 non-polymer 'ZINC ION'
3 non-polymer (2~{R},4~{R})-4-[[(2~{S},4~{S})-4-fluoranylpyrrolidin-2-yl]carbonylamino]-1-(2-methylpropanoyl)-~{N}-[[4-(2-phenylethynyl)phenyl]methyl]pyrrolidine-2-carboxamide
4 water water
#
_entity_poly.entity_id   1
_entity_poly.type   'polypeptide(L)'
_entity_poly.pdbx_seq_one_letter_code
;HHHHHHENLYFQSMIKQRTLKNIIRATGVGLHSGEKVYLTLKPAPVDTGIVFSRTDLDPVVEIPARAENVGETTMSTTLV
KGDVKVDTVEHLLSAMAGLGIDNAYVELSASEVPIMDGSAGPFVFLIQSAGLQEQEAAKKFIRIKREVSVEEGDKRAVFV
PFDGFKVSFEIDFDHPVFRGRTQQASVDFSSTSFVKEVSRARTFGFMRDIEYLRSQNLALGGSVENAIVVDENRVLNEDG
LRYEDEFVKHKILDAIGDLYLLGNSLIGEFRGFKSGHALNNQLLRTLIADKDAWEVVTFEDARTAPISYMRP
;
_entity_poly.pdbx_strand_id   A
#
loop_
_chem_comp.id
_chem_comp.type
_chem_comp.name
_chem_comp.formula
7PX non-polymer (2~{R},4~{R})-4-[[(2~{S},4~{S})-4-fluoranylpyrrolidin-2-yl]carbonylamino]-1-(2-methylpropanoyl)-~{N}-[[4-(2-phenylethynyl)phenyl]methyl]pyrrolidine-2-carboxamide 'C29 H33 F N4 O3'
ZN non-polymer 'ZINC ION' 'Zn 2'
#
# COMPACT_ATOMS: atom_id res chain seq x y z
N SER A 13 7.41 -28.18 3.42
CA SER A 13 6.44 -27.80 2.39
C SER A 13 5.64 -26.54 2.80
N MET A 14 5.71 -26.11 4.06
CA MET A 14 4.82 -25.03 4.57
C MET A 14 5.19 -23.70 3.94
N ILE A 15 4.21 -22.81 3.75
CA ILE A 15 4.51 -21.42 3.32
C ILE A 15 5.01 -20.69 4.57
N LYS A 16 6.26 -20.23 4.51
CA LYS A 16 6.96 -19.60 5.66
C LYS A 16 6.78 -18.07 5.65
N GLN A 17 6.80 -17.50 6.85
CA GLN A 17 6.93 -16.03 7.05
C GLN A 17 8.23 -15.54 6.41
N ARG A 18 8.23 -14.31 5.91
CA ARG A 18 9.42 -13.67 5.30
C ARG A 18 9.74 -12.35 5.99
N THR A 19 11.04 -12.09 6.13
CA THR A 19 11.59 -10.78 6.53
C THR A 19 12.66 -10.37 5.52
N LEU A 20 13.30 -9.24 5.75
CA LEU A 20 14.46 -8.76 4.96
C LEU A 20 15.70 -9.61 5.31
N LYS A 21 16.54 -9.92 4.33
CA LYS A 21 17.86 -10.58 4.53
C LYS A 21 18.89 -9.54 4.98
N ASN A 22 18.81 -8.33 4.43
CA ASN A 22 19.78 -7.21 4.63
C ASN A 22 18.96 -5.93 4.85
N ILE A 23 19.54 -4.93 5.50
CA ILE A 23 18.86 -3.62 5.74
C ILE A 23 18.76 -2.87 4.41
N ILE A 24 17.71 -2.07 4.27
CA ILE A 24 17.49 -1.15 3.12
C ILE A 24 17.65 0.26 3.65
N ARG A 25 18.40 1.10 2.97
CA ARG A 25 18.53 2.55 3.23
C ARG A 25 18.04 3.31 2.00
N ALA A 26 17.20 4.33 2.21
CA ALA A 26 16.76 5.30 1.17
C ALA A 26 16.66 6.68 1.80
N THR A 27 16.92 7.69 0.98
CA THR A 27 16.68 9.13 1.30
C THR A 27 15.66 9.65 0.29
N GLY A 28 14.73 10.48 0.73
CA GLY A 28 13.77 11.09 -0.20
C GLY A 28 13.08 12.27 0.41
N VAL A 29 11.94 12.63 -0.14
CA VAL A 29 11.15 13.80 0.33
CA VAL A 29 11.14 13.80 0.32
C VAL A 29 9.69 13.34 0.53
N GLY A 30 9.05 13.87 1.56
CA GLY A 30 7.62 13.61 1.80
C GLY A 30 6.80 14.29 0.71
N LEU A 31 5.83 13.59 0.11
CA LEU A 31 4.93 14.21 -0.91
C LEU A 31 4.25 15.45 -0.33
N HIS A 32 3.63 15.34 0.85
CA HIS A 32 2.79 16.43 1.42
C HIS A 32 3.67 17.42 2.18
N SER A 33 4.62 16.94 2.98
CA SER A 33 5.43 17.80 3.89
C SER A 33 6.56 18.49 3.13
N GLY A 34 7.10 17.84 2.10
CA GLY A 34 8.31 18.34 1.40
C GLY A 34 9.56 18.18 2.25
N GLU A 35 9.48 17.45 3.36
CA GLU A 35 10.62 17.26 4.28
C GLU A 35 11.52 16.15 3.74
N LYS A 36 12.84 16.36 3.82
CA LYS A 36 13.89 15.35 3.56
C LYS A 36 13.78 14.26 4.65
N VAL A 37 13.74 13.00 4.25
CA VAL A 37 13.51 11.86 5.18
C VAL A 37 14.49 10.75 4.83
N TYR A 38 15.08 10.17 5.87
CA TYR A 38 15.94 8.97 5.81
C TYR A 38 15.08 7.78 6.27
N LEU A 39 15.04 6.78 5.42
CA LEU A 39 14.28 5.52 5.60
C LEU A 39 15.27 4.38 5.80
N THR A 40 15.04 3.54 6.81
CA THR A 40 15.77 2.27 6.99
C THR A 40 14.76 1.14 7.20
N LEU A 41 14.88 0.08 6.41
CA LEU A 41 14.07 -1.14 6.63
C LEU A 41 14.99 -2.18 7.26
N LYS A 42 14.55 -2.79 8.35
CA LYS A 42 15.35 -3.80 9.08
C LYS A 42 14.57 -5.10 9.16
N PRO A 43 15.29 -6.23 9.20
CA PRO A 43 14.69 -7.52 9.52
C PRO A 43 14.02 -7.42 10.89
N ALA A 44 12.99 -8.24 11.08
CA ALA A 44 12.23 -8.33 12.35
C ALA A 44 11.86 -9.78 12.60
N PRO A 45 11.69 -10.16 13.89
CA PRO A 45 11.33 -11.53 14.25
C PRO A 45 9.95 -11.96 13.74
N VAL A 46 9.73 -13.28 13.73
CA VAL A 46 8.43 -13.94 13.44
C VAL A 46 7.31 -13.24 14.20
N ASP A 47 6.18 -12.99 13.51
CA ASP A 47 4.91 -12.45 14.07
C ASP A 47 5.11 -11.00 14.58
N THR A 48 6.13 -10.27 14.14
CA THR A 48 6.26 -8.83 14.44
C THR A 48 5.26 -8.01 13.63
N GLY A 49 5.04 -8.40 12.37
CA GLY A 49 4.33 -7.58 11.38
C GLY A 49 5.21 -6.44 10.91
N ILE A 50 4.59 -5.46 10.25
CA ILE A 50 5.30 -4.24 9.81
C ILE A 50 5.11 -3.19 10.91
N VAL A 51 6.21 -2.66 11.42
CA VAL A 51 6.16 -1.65 12.52
C VAL A 51 6.94 -0.41 12.07
N PHE A 52 6.30 0.76 12.12
CA PHE A 52 6.94 2.05 11.77
C PHE A 52 7.54 2.62 13.04
N SER A 53 8.62 3.36 12.86
CA SER A 53 9.40 3.88 13.98
C SER A 53 9.92 5.27 13.66
N ARG A 54 9.48 6.29 14.41
CA ARG A 54 10.00 7.68 14.31
C ARG A 54 11.31 7.75 15.11
N THR A 55 12.44 7.67 14.43
CA THR A 55 13.79 7.60 15.06
C THR A 55 14.34 9.02 15.28
N ASP A 56 13.62 10.06 14.85
CA ASP A 56 14.01 11.47 15.10
C ASP A 56 13.58 11.86 16.52
N LEU A 57 12.71 11.09 17.15
CA LEU A 57 12.15 11.41 18.48
C LEU A 57 12.92 10.65 19.54
N ASP A 58 12.95 11.18 20.76
CA ASP A 58 13.61 10.56 21.94
C ASP A 58 12.67 10.69 23.13
N PRO A 59 12.04 9.59 23.60
CA PRO A 59 12.26 8.26 23.04
C PRO A 59 11.70 8.09 21.61
N VAL A 60 12.19 7.06 20.94
CA VAL A 60 11.72 6.64 19.58
C VAL A 60 10.25 6.21 19.72
N VAL A 61 9.41 6.50 18.73
CA VAL A 61 7.95 6.15 18.80
C VAL A 61 7.65 5.09 17.74
N GLU A 62 7.11 3.94 18.15
CA GLU A 62 6.85 2.79 17.25
C GLU A 62 5.33 2.65 17.04
N ILE A 63 4.89 2.51 15.79
CA ILE A 63 3.44 2.37 15.43
C ILE A 63 3.30 1.14 14.54
N PRO A 64 2.70 0.03 15.02
CA PRO A 64 2.36 -1.07 14.13
C PRO A 64 1.49 -0.56 12.96
N ALA A 65 1.78 -1.03 11.75
CA ALA A 65 1.01 -0.73 10.52
C ALA A 65 -0.27 -1.58 10.53
N ARG A 66 -1.22 -1.19 11.38
CA ARG A 66 -2.49 -1.93 11.60
C ARG A 66 -3.66 -0.94 11.53
N ALA A 67 -4.82 -1.43 11.11
CA ALA A 67 -6.00 -0.59 10.85
C ALA A 67 -6.36 0.19 12.13
N GLU A 68 -6.14 -0.42 13.29
CA GLU A 68 -6.46 0.22 14.60
C GLU A 68 -5.66 1.52 14.80
N ASN A 69 -4.53 1.71 14.11
CA ASN A 69 -3.63 2.88 14.33
C ASN A 69 -3.79 3.93 13.22
N VAL A 70 -4.78 3.79 12.33
CA VAL A 70 -4.95 4.75 11.21
C VAL A 70 -5.65 5.98 11.79
N GLY A 71 -5.06 7.16 11.59
CA GLY A 71 -5.67 8.45 11.95
C GLY A 71 -6.23 9.12 10.70
N GLU A 72 -5.61 10.23 10.28
CA GLU A 72 -5.95 11.04 9.08
C GLU A 72 -6.04 10.12 7.85
N THR A 73 -6.98 10.43 6.95
CA THR A 73 -7.37 9.57 5.81
C THR A 73 -7.48 10.40 4.52
N THR A 74 -7.50 11.73 4.63
CA THR A 74 -7.81 12.69 3.54
C THR A 74 -6.72 12.61 2.46
N MET A 75 -5.51 13.01 2.82
CA MET A 75 -4.35 13.20 1.93
C MET A 75 -3.81 11.84 1.45
N SER A 76 -3.92 10.84 2.31
CA SER A 76 -3.12 9.59 2.27
C SER A 76 -3.43 8.78 3.53
N THR A 77 -2.85 7.59 3.66
CA THR A 77 -3.00 6.73 4.86
C THR A 77 -1.96 7.15 5.88
N THR A 78 -2.42 7.62 7.05
CA THR A 78 -1.57 8.09 8.17
C THR A 78 -1.77 7.16 9.36
N LEU A 79 -0.66 6.72 9.98
CA LEU A 79 -0.68 6.03 11.29
C LEU A 79 -0.46 7.06 12.40
N VAL A 80 -1.12 6.88 13.54
CA VAL A 80 -1.07 7.88 14.64
C VAL A 80 -0.93 7.13 15.97
N LYS A 81 -0.12 7.69 16.86
CA LYS A 81 -0.03 7.29 18.28
C LYS A 81 0.15 8.59 19.08
N GLY A 82 -0.88 8.94 19.86
CA GLY A 82 -1.01 10.26 20.52
C GLY A 82 -0.87 11.40 19.52
N ASP A 83 0.14 12.24 19.71
CA ASP A 83 0.38 13.43 18.85
C ASP A 83 1.48 13.14 17.81
N VAL A 84 1.88 11.88 17.64
CA VAL A 84 2.95 11.48 16.68
C VAL A 84 2.27 10.81 15.49
N LYS A 85 2.73 11.09 14.29
CA LYS A 85 2.17 10.40 13.10
C LYS A 85 3.27 9.98 12.13
N VAL A 86 2.89 9.04 11.28
CA VAL A 86 3.64 8.59 10.08
C VAL A 86 2.67 8.69 8.90
N ASP A 87 2.93 9.62 7.99
CA ASP A 87 2.08 9.98 6.84
C ASP A 87 2.50 9.16 5.60
N THR A 88 1.53 8.83 4.76
CA THR A 88 1.71 8.29 3.38
C THR A 88 2.44 6.95 3.44
N VAL A 89 1.85 5.97 4.11
CA VAL A 89 2.46 4.62 4.30
C VAL A 89 2.05 3.68 3.15
N GLU A 90 1.05 4.04 2.33
CA GLU A 90 0.32 3.05 1.51
C GLU A 90 1.22 2.52 0.39
N HIS A 91 2.16 3.30 -0.17
CA HIS A 91 3.01 2.80 -1.28
C HIS A 91 4.01 1.79 -0.73
N LEU A 92 4.60 2.07 0.43
CA LEU A 92 5.59 1.12 1.02
C LEU A 92 4.87 -0.15 1.44
N LEU A 93 3.69 -0.05 2.06
CA LEU A 93 2.92 -1.26 2.47
C LEU A 93 2.53 -2.04 1.22
N SER A 94 2.20 -1.37 0.10
CA SER A 94 1.85 -2.08 -1.15
CA SER A 94 1.87 -2.05 -1.18
C SER A 94 3.06 -2.93 -1.58
N ALA A 95 4.28 -2.36 -1.56
CA ALA A 95 5.55 -3.08 -1.87
C ALA A 95 5.73 -4.29 -0.94
N MET A 96 5.48 -4.11 0.36
CA MET A 96 5.68 -5.22 1.34
C MET A 96 4.64 -6.31 1.10
N ALA A 97 3.39 -5.93 0.83
CA ALA A 97 2.27 -6.86 0.51
C ALA A 97 2.58 -7.61 -0.78
N GLY A 98 3.03 -6.89 -1.81
CA GLY A 98 3.28 -7.46 -3.16
C GLY A 98 4.39 -8.50 -3.14
N LEU A 99 5.39 -8.32 -2.27
CA LEU A 99 6.57 -9.21 -2.18
C LEU A 99 6.39 -10.27 -1.08
N GLY A 100 5.28 -10.22 -0.33
CA GLY A 100 4.98 -11.18 0.74
C GLY A 100 5.88 -11.03 1.96
N ILE A 101 6.31 -9.81 2.30
CA ILE A 101 7.10 -9.54 3.54
C ILE A 101 6.16 -9.46 4.74
N ASP A 102 6.35 -10.32 5.73
CA ASP A 102 5.48 -10.38 6.95
C ASP A 102 6.01 -9.42 8.02
N ASN A 103 7.32 -9.41 8.23
CA ASN A 103 7.98 -8.88 9.45
C ASN A 103 9.06 -7.88 9.05
N ALA A 104 8.98 -6.64 9.53
CA ALA A 104 10.00 -5.62 9.22
C ALA A 104 9.82 -4.41 10.12
N TYR A 105 10.91 -3.80 10.53
CA TYR A 105 10.92 -2.47 11.19
C TYR A 105 11.18 -1.43 10.11
N VAL A 106 10.36 -0.38 10.05
CA VAL A 106 10.52 0.76 9.12
C VAL A 106 10.88 1.99 9.95
N GLU A 107 12.14 2.38 9.91
CA GLU A 107 12.64 3.55 10.67
C GLU A 107 12.59 4.77 9.74
N LEU A 108 12.07 5.87 10.25
CA LEU A 108 11.93 7.15 9.52
C LEU A 108 12.47 8.25 10.40
N SER A 109 13.20 9.19 9.80
CA SER A 109 13.80 10.37 10.45
C SER A 109 12.83 11.56 10.41
N ALA A 110 11.61 11.38 9.90
CA ALA A 110 10.56 12.43 9.82
C ALA A 110 9.18 11.78 9.70
N SER A 111 8.14 12.60 9.68
CA SER A 111 6.73 12.15 9.83
C SER A 111 6.23 11.51 8.53
N GLU A 112 6.86 11.72 7.38
CA GLU A 112 6.29 11.22 6.11
C GLU A 112 7.28 10.27 5.43
N VAL A 113 6.77 9.12 4.96
CA VAL A 113 7.51 8.14 4.13
C VAL A 113 7.91 8.87 2.85
N PRO A 114 9.15 8.69 2.32
CA PRO A 114 9.54 9.34 1.07
C PRO A 114 8.69 8.84 -0.10
N ILE A 115 8.29 9.77 -0.96
CA ILE A 115 7.45 9.49 -2.16
C ILE A 115 8.26 8.79 -3.26
N MET A 116 9.59 8.93 -3.30
CA MET A 116 10.42 8.32 -4.37
C MET A 116 9.89 8.77 -5.74
N ASP A 117 9.54 7.87 -6.66
CA ASP A 117 9.10 8.28 -8.03
C ASP A 117 7.56 8.33 -8.09
N GLY A 118 6.88 8.16 -6.95
CA GLY A 118 5.41 8.20 -6.83
C GLY A 118 4.78 6.83 -6.92
N SER A 119 5.57 5.77 -7.14
CA SER A 119 5.07 4.38 -7.25
C SER A 119 5.71 3.51 -6.16
N ALA A 120 5.47 2.20 -6.21
CA ALA A 120 6.08 1.21 -5.30
C ALA A 120 7.39 0.68 -5.90
N GLY A 121 7.71 1.05 -7.14
CA GLY A 121 8.81 0.50 -7.95
C GLY A 121 10.15 0.61 -7.23
N PRO A 122 10.55 1.82 -6.80
CA PRO A 122 11.82 1.99 -6.08
C PRO A 122 11.92 1.18 -4.77
N PHE A 123 10.83 1.03 -4.01
CA PHE A 123 10.82 0.21 -2.77
C PHE A 123 10.98 -1.26 -3.14
N VAL A 124 10.25 -1.72 -4.15
CA VAL A 124 10.33 -3.14 -4.59
C VAL A 124 11.77 -3.45 -5.04
N PHE A 125 12.41 -2.54 -5.76
CA PHE A 125 13.80 -2.75 -6.26
C PHE A 125 14.78 -2.79 -5.07
N LEU A 126 14.72 -1.83 -4.16
CA LEU A 126 15.59 -1.78 -2.96
C LEU A 126 15.41 -3.05 -2.14
N ILE A 127 14.18 -3.50 -1.95
CA ILE A 127 13.91 -4.72 -1.13
C ILE A 127 14.49 -5.95 -1.84
N GLN A 128 14.22 -6.10 -3.14
CA GLN A 128 14.62 -7.33 -3.89
C GLN A 128 16.14 -7.31 -4.09
N SER A 129 16.77 -6.12 -4.09
CA SER A 129 18.25 -5.97 -4.08
C SER A 129 18.82 -6.49 -2.76
N ALA A 130 18.20 -6.16 -1.62
CA ALA A 130 18.60 -6.63 -0.28
C ALA A 130 18.33 -8.13 -0.15
N GLY A 131 17.23 -8.60 -0.74
CA GLY A 131 16.81 -10.01 -0.71
C GLY A 131 15.94 -10.26 0.52
N LEU A 132 15.19 -11.35 0.49
CA LEU A 132 14.25 -11.76 1.56
C LEU A 132 14.81 -13.00 2.26
N GLN A 133 14.44 -13.19 3.52
CA GLN A 133 14.82 -14.35 4.34
C GLN A 133 13.54 -15.05 4.77
N GLU A 134 13.34 -16.31 4.39
CA GLU A 134 12.24 -17.14 4.96
C GLU A 134 12.58 -17.43 6.43
N GLN A 135 11.55 -17.43 7.29
CA GLN A 135 11.66 -17.66 8.76
C GLN A 135 10.93 -18.95 9.12
N GLU A 136 11.34 -19.59 10.23
CA GLU A 136 10.86 -20.95 10.61
C GLU A 136 9.50 -20.81 11.31
N ALA A 137 8.48 -20.35 10.60
CA ALA A 137 7.12 -20.15 11.14
C ALA A 137 6.16 -20.05 9.95
N ALA A 138 4.99 -20.66 10.07
CA ALA A 138 3.89 -20.63 9.08
C ALA A 138 3.46 -19.17 8.87
N LYS A 139 3.41 -18.76 7.61
CA LYS A 139 2.78 -17.48 7.20
C LYS A 139 1.29 -17.56 7.47
N LYS A 140 0.74 -16.53 8.12
CA LYS A 140 -0.71 -16.43 8.44
C LYS A 140 -1.39 -15.60 7.36
N PHE A 141 -2.53 -16.08 6.88
CA PHE A 141 -3.36 -15.39 5.87
C PHE A 141 -4.73 -15.09 6.47
N ILE A 142 -5.33 -13.97 6.09
CA ILE A 142 -6.75 -13.65 6.38
C ILE A 142 -7.57 -14.16 5.20
N ARG A 143 -8.45 -15.13 5.44
CA ARG A 143 -9.34 -15.67 4.40
C ARG A 143 -10.73 -15.06 4.55
N ILE A 144 -11.24 -14.43 3.50
CA ILE A 144 -12.61 -13.87 3.46
C ILE A 144 -13.57 -15.06 3.34
N LYS A 145 -14.54 -15.17 4.26
CA LYS A 145 -15.51 -16.28 4.33
C LYS A 145 -16.91 -15.82 3.92
N ARG A 146 -17.19 -14.52 4.06
CA ARG A 146 -18.49 -13.92 3.71
C ARG A 146 -18.26 -12.59 3.00
N GLU A 147 -19.21 -12.18 2.16
CA GLU A 147 -19.18 -10.87 1.49
C GLU A 147 -19.33 -9.76 2.55
N VAL A 148 -18.45 -8.77 2.51
CA VAL A 148 -18.51 -7.56 3.36
C VAL A 148 -18.43 -6.33 2.46
N SER A 149 -19.45 -5.47 2.48
CA SER A 149 -19.44 -4.24 1.66
C SER A 149 -19.71 -3.03 2.55
N VAL A 150 -19.06 -1.93 2.20
CA VAL A 150 -19.35 -0.59 2.79
C VAL A 150 -19.60 0.35 1.61
N GLU A 151 -20.53 1.27 1.81
CA GLU A 151 -20.91 2.31 0.82
C GLU A 151 -20.96 3.65 1.59
N GLU A 152 -20.72 4.73 0.87
CA GLU A 152 -20.96 6.11 1.36
C GLU A 152 -21.21 6.97 0.13
N GLY A 153 -22.45 7.43 -0.04
CA GLY A 153 -22.92 8.06 -1.29
C GLY A 153 -22.73 7.12 -2.45
N ASP A 154 -21.94 7.52 -3.47
CA ASP A 154 -21.78 6.79 -4.76
C ASP A 154 -20.55 5.86 -4.71
N LYS A 155 -19.79 5.87 -3.61
CA LYS A 155 -18.55 5.07 -3.44
C LYS A 155 -18.90 3.72 -2.83
N ARG A 156 -18.18 2.66 -3.23
CA ARG A 156 -18.36 1.32 -2.63
C ARG A 156 -17.02 0.60 -2.56
N ALA A 157 -16.84 -0.19 -1.50
CA ALA A 157 -15.69 -1.11 -1.30
C ALA A 157 -16.23 -2.43 -0.77
N VAL A 158 -15.82 -3.54 -1.37
CA VAL A 158 -16.35 -4.91 -1.07
C VAL A 158 -15.20 -5.90 -0.96
N PHE A 159 -15.27 -6.77 0.05
CA PHE A 159 -14.54 -8.05 0.10
C PHE A 159 -15.49 -9.17 -0.33
N VAL A 160 -15.01 -10.06 -1.20
CA VAL A 160 -15.74 -11.26 -1.66
C VAL A 160 -14.86 -12.48 -1.41
N PRO A 161 -15.45 -13.61 -0.94
CA PRO A 161 -14.71 -14.87 -0.85
C PRO A 161 -14.14 -15.19 -2.23
N PHE A 162 -12.91 -15.69 -2.23
CA PHE A 162 -12.18 -16.07 -3.47
C PHE A 162 -10.93 -16.84 -3.08
N ASP A 163 -10.73 -18.01 -3.69
CA ASP A 163 -9.60 -18.92 -3.38
C ASP A 163 -8.39 -18.44 -4.17
N GLY A 164 -7.79 -17.32 -3.73
CA GLY A 164 -6.66 -16.63 -4.37
C GLY A 164 -6.59 -15.20 -3.87
N PHE A 165 -6.01 -14.30 -4.65
CA PHE A 165 -6.00 -12.85 -4.33
C PHE A 165 -6.23 -12.06 -5.62
N LYS A 166 -7.33 -11.31 -5.69
CA LYS A 166 -7.63 -10.44 -6.85
C LYS A 166 -8.28 -9.12 -6.40
N VAL A 167 -8.02 -8.09 -7.20
CA VAL A 167 -8.38 -6.67 -6.92
C VAL A 167 -8.93 -6.08 -8.21
N SER A 168 -10.12 -5.51 -8.11
CA SER A 168 -10.81 -4.76 -9.18
C SER A 168 -10.98 -3.34 -8.69
N PHE A 169 -10.88 -2.38 -9.58
CA PHE A 169 -11.08 -0.96 -9.24
C PHE A 169 -11.71 -0.25 -10.42
N GLU A 170 -12.58 0.70 -10.10
CA GLU A 170 -13.18 1.62 -11.08
C GLU A 170 -13.15 3.03 -10.50
N ILE A 171 -12.61 3.98 -11.25
CA ILE A 171 -12.73 5.43 -10.95
C ILE A 171 -13.61 6.05 -12.03
N ASP A 172 -14.05 7.27 -11.79
CA ASP A 172 -14.85 8.07 -12.75
C ASP A 172 -14.42 9.54 -12.57
N PHE A 173 -13.42 9.96 -13.31
CA PHE A 173 -13.01 11.38 -13.34
C PHE A 173 -13.61 11.97 -14.62
N ASP A 174 -14.41 13.04 -14.47
CA ASP A 174 -14.93 13.83 -15.60
C ASP A 174 -13.80 14.80 -15.98
N HIS A 175 -12.83 14.27 -16.72
CA HIS A 175 -11.60 14.96 -17.17
C HIS A 175 -11.23 14.37 -18.53
N PRO A 176 -10.93 15.21 -19.54
CA PRO A 176 -10.55 14.72 -20.87
C PRO A 176 -9.42 13.67 -20.84
N VAL A 177 -8.42 13.85 -19.97
CA VAL A 177 -7.27 12.90 -19.89
C VAL A 177 -7.81 11.53 -19.49
N PHE A 178 -8.75 11.50 -18.53
CA PHE A 178 -9.39 10.27 -17.99
C PHE A 178 -10.51 9.83 -18.94
N GLN A 183 -10.18 3.52 -17.14
CA GLN A 183 -10.76 3.93 -15.81
C GLN A 183 -11.28 2.73 -15.00
N GLN A 184 -11.25 1.52 -15.55
CA GLN A 184 -11.55 0.27 -14.80
C GLN A 184 -10.39 -0.70 -15.03
N ALA A 185 -9.93 -1.41 -13.99
CA ALA A 185 -8.90 -2.47 -14.12
C ALA A 185 -9.15 -3.61 -13.12
N SER A 186 -8.68 -4.81 -13.48
CA SER A 186 -8.79 -6.03 -12.66
C SER A 186 -7.43 -6.74 -12.68
N VAL A 187 -6.91 -7.08 -11.52
CA VAL A 187 -5.66 -7.87 -11.38
CA VAL A 187 -5.66 -7.89 -11.40
C VAL A 187 -5.98 -9.12 -10.55
N ASP A 188 -5.48 -10.27 -10.98
CA ASP A 188 -5.57 -11.56 -10.27
C ASP A 188 -4.16 -12.10 -10.22
N PHE A 189 -3.60 -12.29 -9.03
CA PHE A 189 -2.15 -12.57 -8.90
C PHE A 189 -1.86 -14.05 -9.21
N SER A 190 -2.85 -14.79 -9.73
CA SER A 190 -2.65 -16.11 -10.40
C SER A 190 -1.96 -15.89 -11.76
N SER A 191 -2.12 -14.71 -12.37
CA SER A 191 -1.50 -14.38 -13.68
C SER A 191 -0.72 -13.07 -13.59
N THR A 192 -1.33 -12.02 -13.06
CA THR A 192 -0.70 -10.68 -12.94
C THR A 192 0.59 -10.77 -12.11
N SER A 193 1.67 -10.20 -12.63
CA SER A 193 2.90 -9.90 -11.85
C SER A 193 2.69 -8.56 -11.12
N PHE A 194 2.65 -8.56 -9.78
CA PHE A 194 2.65 -7.29 -8.99
C PHE A 194 3.81 -6.40 -9.46
N VAL A 195 4.99 -6.99 -9.56
CA VAL A 195 6.23 -6.23 -9.89
C VAL A 195 6.10 -5.57 -11.27
N LYS A 196 5.72 -6.32 -12.30
CA LYS A 196 5.75 -5.82 -13.71
C LYS A 196 4.52 -4.97 -14.05
N GLU A 197 3.35 -5.26 -13.49
CA GLU A 197 2.07 -4.72 -14.01
C GLU A 197 1.45 -3.72 -13.02
N VAL A 198 1.84 -3.70 -11.75
CA VAL A 198 1.19 -2.78 -10.76
C VAL A 198 2.22 -1.84 -10.13
N SER A 199 3.38 -2.34 -9.70
CA SER A 199 4.30 -1.65 -8.76
C SER A 199 4.78 -0.30 -9.33
N ARG A 200 4.88 -0.16 -10.66
CA ARG A 200 5.44 1.07 -11.30
C ARG A 200 4.37 2.14 -11.54
N ALA A 201 3.12 1.90 -11.17
CA ALA A 201 2.01 2.84 -11.42
C ALA A 201 2.15 4.01 -10.43
N ARG A 202 2.22 5.24 -10.94
CA ARG A 202 2.53 6.45 -10.13
C ARG A 202 1.25 7.16 -9.66
N THR A 203 1.38 7.86 -8.52
CA THR A 203 0.34 8.79 -8.02
C THR A 203 0.17 9.90 -9.05
N PHE A 204 -0.94 10.63 -8.96
CA PHE A 204 -1.32 11.67 -9.92
C PHE A 204 -2.01 12.81 -9.19
N GLY A 205 -1.89 14.02 -9.73
CA GLY A 205 -2.53 15.24 -9.22
C GLY A 205 -2.91 16.16 -10.36
N PHE A 206 -3.97 16.95 -10.18
CA PHE A 206 -4.48 17.95 -11.14
C PHE A 206 -3.81 19.30 -10.85
N MET A 207 -3.21 19.91 -11.88
CA MET A 207 -2.48 21.20 -11.78
C MET A 207 -3.43 22.27 -11.24
N ARG A 208 -4.74 22.13 -11.47
CA ARG A 208 -5.78 23.09 -11.03
C ARG A 208 -5.88 23.11 -9.50
N ASP A 209 -5.48 22.02 -8.83
CA ASP A 209 -5.63 21.82 -7.37
C ASP A 209 -4.37 22.23 -6.59
N ILE A 210 -3.23 22.49 -7.25
CA ILE A 210 -1.89 22.51 -6.59
C ILE A 210 -1.73 23.78 -5.73
N GLU A 211 -2.13 24.95 -6.26
CA GLU A 211 -2.02 26.25 -5.52
C GLU A 211 -2.84 26.13 -4.23
N TYR A 212 -4.06 25.62 -4.32
CA TYR A 212 -4.96 25.41 -3.16
C TYR A 212 -4.30 24.46 -2.15
N LEU A 213 -3.82 23.31 -2.62
CA LEU A 213 -3.20 22.26 -1.76
C LEU A 213 -1.98 22.83 -1.02
N ARG A 214 -1.16 23.64 -1.71
CA ARG A 214 0.04 24.30 -1.15
C ARG A 214 -0.35 25.20 0.03
N SER A 215 -1.47 25.92 -0.12
CA SER A 215 -2.03 26.84 0.90
C SER A 215 -2.42 26.04 2.15
N GLN A 216 -2.79 24.76 2.00
CA GLN A 216 -3.12 23.83 3.10
C GLN A 216 -1.90 22.97 3.45
N ASN A 217 -0.68 23.43 3.10
CA ASN A 217 0.62 22.71 3.27
C ASN A 217 0.47 21.23 2.87
N LEU A 218 -0.19 20.96 1.74
CA LEU A 218 -0.17 19.62 1.08
C LEU A 218 0.59 19.75 -0.25
N ALA A 219 1.01 18.62 -0.80
CA ALA A 219 1.73 18.53 -2.10
C ALA A 219 2.98 19.42 -2.12
N LEU A 220 3.57 19.74 -0.95
CA LEU A 220 4.79 20.60 -0.88
C LEU A 220 5.97 19.90 -1.53
N GLY A 221 6.02 18.57 -1.50
CA GLY A 221 7.09 17.78 -2.11
C GLY A 221 6.79 17.35 -3.54
N GLY A 222 5.65 17.76 -4.11
CA GLY A 222 5.18 17.26 -5.42
C GLY A 222 6.02 17.82 -6.56
N SER A 223 6.34 16.98 -7.55
CA SER A 223 7.04 17.41 -8.79
C SER A 223 6.76 16.39 -9.90
N VAL A 224 7.13 16.72 -11.14
CA VAL A 224 6.98 15.76 -12.27
C VAL A 224 7.89 14.55 -12.05
N GLU A 225 8.86 14.63 -11.12
CA GLU A 225 9.75 13.48 -10.77
C GLU A 225 9.02 12.45 -9.89
N ASN A 226 7.93 12.81 -9.20
CA ASN A 226 7.28 11.87 -8.24
C ASN A 226 5.77 11.80 -8.45
N ALA A 227 5.22 12.32 -9.55
CA ALA A 227 3.76 12.34 -9.77
C ALA A 227 3.46 12.59 -11.24
N ILE A 228 2.42 11.94 -11.75
CA ILE A 228 1.77 12.32 -13.04
C ILE A 228 1.02 13.63 -12.75
N VAL A 229 1.40 14.70 -13.43
CA VAL A 229 0.74 16.01 -13.28
C VAL A 229 -0.19 16.23 -14.47
N VAL A 230 -1.46 16.45 -14.20
CA VAL A 230 -2.52 16.56 -15.25
C VAL A 230 -2.96 18.02 -15.33
N ASP A 231 -2.84 18.64 -16.51
CA ASP A 231 -3.40 19.99 -16.75
C ASP A 231 -4.83 19.82 -17.26
N GLU A 232 -5.38 20.86 -17.89
CA GLU A 232 -6.74 20.85 -18.47
C GLU A 232 -6.94 19.62 -19.38
N ASN A 233 -5.94 19.29 -20.19
CA ASN A 233 -6.12 18.44 -21.39
C ASN A 233 -5.03 17.37 -21.56
N ARG A 234 -3.93 17.46 -20.82
CA ARG A 234 -2.79 16.55 -21.05
C ARG A 234 -2.06 16.27 -19.74
N VAL A 235 -1.43 15.10 -19.67
CA VAL A 235 -0.29 14.81 -18.76
C VAL A 235 0.82 15.78 -19.16
N LEU A 236 1.41 16.49 -18.20
CA LEU A 236 2.49 17.48 -18.46
C LEU A 236 3.86 16.78 -18.40
N ASN A 237 3.99 15.63 -17.74
CA ASN A 237 5.25 14.84 -17.69
C ASN A 237 5.71 14.57 -19.12
N GLU A 238 6.94 14.98 -19.45
CA GLU A 238 7.57 14.90 -20.80
C GLU A 238 7.49 13.46 -21.33
N ASP A 239 7.82 12.48 -20.50
CA ASP A 239 7.94 11.03 -20.87
C ASP A 239 6.59 10.31 -20.81
N GLY A 240 5.52 10.96 -20.34
CA GLY A 240 4.15 10.42 -20.41
C GLY A 240 3.88 9.31 -19.39
N LEU A 241 3.06 8.32 -19.76
CA LEU A 241 2.53 7.28 -18.84
C LEU A 241 3.31 5.98 -19.04
N ARG A 242 3.43 5.19 -17.97
CA ARG A 242 4.11 3.87 -17.93
C ARG A 242 3.15 2.78 -18.39
N TYR A 243 1.85 3.00 -18.20
CA TYR A 243 0.76 2.05 -18.55
C TYR A 243 -0.39 2.88 -19.16
N GLU A 244 -1.13 2.36 -20.13
CA GLU A 244 -2.31 3.09 -20.68
C GLU A 244 -3.31 3.37 -19.55
N ASP A 245 -3.42 2.45 -18.60
CA ASP A 245 -4.35 2.53 -17.45
C ASP A 245 -3.56 2.81 -16.16
N GLU A 246 -2.56 3.69 -16.21
CA GLU A 246 -1.70 3.98 -15.02
C GLU A 246 -2.54 4.50 -13.84
N PHE A 247 -3.52 5.39 -14.08
CA PHE A 247 -4.30 6.04 -13.00
C PHE A 247 -5.04 4.97 -12.17
N VAL A 248 -5.80 4.10 -12.81
CA VAL A 248 -6.58 3.08 -12.06
C VAL A 248 -5.62 2.02 -11.49
N LYS A 249 -4.53 1.71 -12.18
CA LYS A 249 -3.48 0.78 -11.67
C LYS A 249 -2.88 1.33 -10.35
N HIS A 250 -2.67 2.64 -10.27
CA HIS A 250 -2.20 3.28 -9.02
C HIS A 250 -3.26 3.13 -7.90
N LYS A 251 -4.55 3.26 -8.21
CA LYS A 251 -5.63 3.01 -7.21
C LYS A 251 -5.54 1.57 -6.68
N ILE A 252 -5.23 0.61 -7.56
CA ILE A 252 -5.05 -0.82 -7.17
C ILE A 252 -3.83 -0.93 -6.26
N LEU A 253 -2.75 -0.23 -6.61
CA LEU A 253 -1.52 -0.22 -5.78
C LEU A 253 -1.86 0.32 -4.37
N ASP A 254 -2.56 1.45 -4.29
CA ASP A 254 -2.99 2.08 -3.01
C ASP A 254 -3.88 1.08 -2.22
N ALA A 255 -4.80 0.39 -2.90
CA ALA A 255 -5.76 -0.55 -2.28
C ALA A 255 -4.99 -1.72 -1.65
N ILE A 256 -3.96 -2.23 -2.34
CA ILE A 256 -3.14 -3.38 -1.83
C ILE A 256 -2.41 -2.94 -0.56
N GLY A 257 -1.86 -1.73 -0.55
CA GLY A 257 -1.22 -1.15 0.64
C GLY A 257 -2.19 -1.00 1.80
N ASP A 258 -3.37 -0.42 1.54
CA ASP A 258 -4.41 -0.24 2.59
C ASP A 258 -4.85 -1.60 3.11
N LEU A 259 -5.07 -2.60 2.25
CA LEU A 259 -5.49 -3.96 2.68
C LEU A 259 -4.42 -4.54 3.60
N TYR A 260 -3.14 -4.21 3.42
CA TYR A 260 -2.07 -4.85 4.23
C TYR A 260 -2.13 -4.35 5.68
N LEU A 261 -2.95 -3.32 5.94
CA LEU A 261 -3.20 -2.86 7.35
C LEU A 261 -3.96 -3.93 8.14
N LEU A 262 -4.48 -4.97 7.48
CA LEU A 262 -5.06 -6.14 8.19
C LEU A 262 -3.95 -6.89 8.92
N GLY A 263 -2.69 -6.70 8.51
CA GLY A 263 -1.49 -7.25 9.20
C GLY A 263 -1.11 -8.62 8.69
N ASN A 264 -1.80 -9.12 7.65
CA ASN A 264 -1.52 -10.43 6.99
C ASN A 264 -2.01 -10.36 5.53
N SER A 265 -1.46 -11.19 4.66
CA SER A 265 -1.88 -11.27 3.24
C SER A 265 -3.29 -11.84 3.20
N LEU A 266 -4.04 -11.46 2.18
CA LEU A 266 -5.46 -11.76 2.05
C LEU A 266 -5.63 -12.98 1.13
N ILE A 267 -6.55 -13.87 1.49
CA ILE A 267 -7.14 -14.85 0.53
C ILE A 267 -8.57 -14.37 0.29
N GLY A 268 -8.79 -13.68 -0.84
CA GLY A 268 -10.09 -13.08 -1.14
C GLY A 268 -9.99 -12.12 -2.30
N GLU A 269 -11.12 -11.52 -2.63
CA GLU A 269 -11.28 -10.56 -3.73
C GLU A 269 -11.61 -9.20 -3.11
N PHE A 270 -10.97 -8.13 -3.56
CA PHE A 270 -11.36 -6.73 -3.23
C PHE A 270 -11.91 -6.07 -4.51
N ARG A 271 -13.05 -5.38 -4.40
CA ARG A 271 -13.66 -4.55 -5.47
C ARG A 271 -13.85 -3.13 -4.94
N GLY A 272 -13.25 -2.13 -5.61
CA GLY A 272 -13.36 -0.70 -5.29
C GLY A 272 -14.10 0.06 -6.38
N PHE A 273 -15.04 0.91 -5.98
CA PHE A 273 -15.88 1.76 -6.87
C PHE A 273 -15.78 3.19 -6.36
N LYS A 274 -14.83 3.96 -6.93
CA LYS A 274 -14.45 5.33 -6.53
C LYS A 274 -14.03 5.38 -5.06
N SER A 275 -13.54 4.28 -4.48
CA SER A 275 -13.13 4.26 -3.05
CA SER A 275 -13.10 4.20 -3.06
C SER A 275 -11.75 4.89 -2.89
N GLY A 276 -11.36 5.17 -1.64
CA GLY A 276 -10.09 5.79 -1.25
C GLY A 276 -9.74 5.36 0.15
N HIS A 277 -8.77 6.02 0.79
CA HIS A 277 -8.18 5.61 2.08
C HIS A 277 -9.29 5.46 3.11
N ALA A 278 -10.23 6.43 3.11
CA ALA A 278 -11.30 6.59 4.12
C ALA A 278 -12.21 5.35 4.06
N LEU A 279 -12.79 5.08 2.89
CA LEU A 279 -13.77 3.98 2.75
C LEU A 279 -13.04 2.64 2.81
N ASN A 280 -11.80 2.56 2.31
CA ASN A 280 -10.98 1.33 2.46
C ASN A 280 -10.80 1.06 3.95
N ASN A 281 -10.54 2.10 4.77
CA ASN A 281 -10.32 1.86 6.21
C ASN A 281 -11.65 1.47 6.85
N GLN A 282 -12.78 2.06 6.43
CA GLN A 282 -14.12 1.66 6.97
C GLN A 282 -14.36 0.17 6.64
N LEU A 283 -13.97 -0.28 5.45
CA LEU A 283 -14.10 -1.70 5.04
C LEU A 283 -13.26 -2.59 5.96
N LEU A 284 -12.00 -2.22 6.23
CA LEU A 284 -11.12 -3.06 7.09
C LEU A 284 -11.76 -3.17 8.47
N ARG A 285 -12.27 -2.05 9.00
CA ARG A 285 -12.81 -2.01 10.38
C ARG A 285 -14.06 -2.90 10.44
N THR A 286 -14.90 -2.87 9.41
CA THR A 286 -16.15 -3.64 9.33
C THR A 286 -15.79 -5.13 9.25
N LEU A 287 -14.82 -5.49 8.40
CA LEU A 287 -14.37 -6.89 8.28
C LEU A 287 -13.84 -7.36 9.65
N ILE A 288 -12.90 -6.63 10.25
CA ILE A 288 -12.23 -7.07 11.51
C ILE A 288 -13.30 -7.32 12.56
N ALA A 289 -14.29 -6.43 12.66
CA ALA A 289 -15.41 -6.53 13.63
C ALA A 289 -16.30 -7.73 13.34
N ASP A 290 -16.49 -8.13 12.08
CA ASP A 290 -17.38 -9.26 11.74
C ASP A 290 -16.57 -10.55 11.66
N LYS A 291 -16.37 -11.23 12.79
CA LYS A 291 -15.46 -12.39 12.89
C LYS A 291 -16.10 -13.59 12.19
N ASP A 292 -17.38 -13.52 11.83
CA ASP A 292 -18.05 -14.56 11.00
C ASP A 292 -17.55 -14.49 9.56
N ALA A 293 -17.00 -13.34 9.14
CA ALA A 293 -16.65 -13.04 7.73
C ALA A 293 -15.21 -13.42 7.36
N TRP A 294 -14.38 -13.82 8.33
CA TRP A 294 -12.95 -14.13 8.07
C TRP A 294 -12.38 -15.10 9.12
N GLU A 295 -11.29 -15.74 8.75
CA GLU A 295 -10.50 -16.64 9.63
C GLU A 295 -9.03 -16.50 9.26
N VAL A 296 -8.14 -16.81 10.20
CA VAL A 296 -6.67 -16.89 9.96
C VAL A 296 -6.41 -18.33 9.51
N VAL A 297 -5.73 -18.50 8.38
CA VAL A 297 -5.34 -19.84 7.84
C VAL A 297 -3.83 -19.85 7.63
N THR A 298 -3.24 -21.04 7.68
CA THR A 298 -1.84 -21.31 7.28
C THR A 298 -1.90 -22.42 6.24
N PHE A 299 -0.81 -22.62 5.51
CA PHE A 299 -0.69 -23.68 4.48
C PHE A 299 0.55 -24.51 4.85
N GLU A 300 0.31 -25.69 5.42
CA GLU A 300 1.40 -26.62 5.83
C GLU A 300 1.96 -27.31 4.56
N ASP A 301 1.31 -27.15 3.40
CA ASP A 301 1.84 -27.66 2.11
C ASP A 301 1.59 -26.61 1.03
N ALA A 302 2.65 -25.95 0.58
CA ALA A 302 2.63 -24.91 -0.49
C ALA A 302 1.98 -25.47 -1.77
N ARG A 303 2.13 -26.77 -2.03
CA ARG A 303 1.67 -27.42 -3.29
C ARG A 303 0.13 -27.42 -3.38
N THR A 304 -0.60 -27.31 -2.27
CA THR A 304 -2.09 -27.37 -2.26
C THR A 304 -2.70 -26.00 -1.96
N ALA A 305 -1.87 -24.97 -1.78
CA ALA A 305 -2.30 -23.60 -1.40
C ALA A 305 -2.82 -22.85 -2.62
N PRO A 306 -3.76 -21.89 -2.46
CA PRO A 306 -4.33 -21.18 -3.61
C PRO A 306 -3.48 -19.98 -4.08
N ILE A 307 -2.38 -19.69 -3.38
CA ILE A 307 -1.42 -18.61 -3.75
C ILE A 307 0.00 -19.18 -3.70
N SER A 308 0.90 -18.58 -4.46
CA SER A 308 2.35 -18.87 -4.41
C SER A 308 3.14 -17.56 -4.51
N TYR A 309 4.38 -17.61 -4.04
CA TYR A 309 5.28 -16.45 -3.91
C TYR A 309 6.54 -16.77 -4.71
N MET A 310 7.14 -15.74 -5.31
CA MET A 310 8.48 -15.79 -5.94
C MET A 310 9.47 -16.44 -4.98
N ARG A 311 10.52 -17.09 -5.49
CA ARG A 311 11.69 -17.47 -4.67
C ARG A 311 12.15 -16.25 -3.87
N PRO A 312 12.65 -16.42 -2.64
CA PRO A 312 13.03 -15.27 -1.79
C PRO A 312 14.35 -14.62 -2.23
ZN ZN B . -0.93 6.41 -3.99
C28 7PX C . 0.65 14.77 -6.39
C27 7PX C . 3.48 18.78 -9.12
C26 7PX C . 4.28 19.73 -9.73
C25 7PX C . 4.51 20.93 -9.11
C24 7PX C . 3.95 21.20 -7.88
C23 7PX C . 3.15 20.25 -7.26
C22 7PX C . 2.91 19.03 -7.88
C21 7PX C . 2.09 17.98 -7.30
C18 7PX C . -0.54 16.66 -5.55
C17 7PX C . -1.48 15.85 -4.97
C16 7PX C . -1.36 14.48 -5.07
C15 7PX C . -2.39 13.61 -4.42
C14 7PX C . -4.03 10.16 -6.60
C1 7PX C . -4.22 12.15 -5.09
N1 7PX C . -6.19 10.88 -6.02
C6 7PX C . -8.20 13.66 -4.91
C5 7PX C . -7.61 13.61 -7.36
C12 7PX C . -1.34 10.12 -2.09
N4 7PX C . -3.16 12.88 -5.42
C3 7PX C . -7.33 11.60 -5.95
C8 7PX C . -4.74 9.05 -5.82
C9 7PX C . -3.08 8.49 -4.11
C11 7PX C . -0.51 8.86 -2.19
O1 7PX C . -4.65 12.05 -3.95
C2 7PX C . -4.84 11.41 -6.27
C4 7PX C . -7.25 13.11 -5.97
O2 7PX C . -8.41 11.02 -5.90
C7 7PX C . -6.21 9.42 -5.95
N2 7PX C . -4.28 8.95 -4.44
C10 7PX C . -2.81 8.30 -2.61
N3 7PX C . -1.48 7.75 -2.31
F1 7PX C . -1.34 10.82 -3.31
C13 7PX C . -2.75 9.64 -1.85
O3 7PX C . -2.26 8.17 -4.95
C19 7PX C . 0.54 16.15 -6.26
C20 7PX C . 1.37 17.17 -6.81
C29 7PX C . -0.29 13.96 -5.79
#